data_5ITQ
#
_entry.id   5ITQ
#
_cell.length_a   132.454
_cell.length_b   132.454
_cell.length_c   50.791
_cell.angle_alpha   90.00
_cell.angle_beta   90.00
_cell.angle_gamma   120.00
#
_symmetry.space_group_name_H-M   'H 3'
#
loop_
_entity.id
_entity.type
_entity.pdbx_description
1 polymer 'Endonuclease 8-like 1'
2 water water
#
_entity_poly.entity_id   1
_entity_poly.type   'polypeptide(L)'
_entity_poly.pdbx_seq_one_letter_code
;MPEGPELHLASQFVNEACRALVFGGCVEKSSVSRNPEVPFESSAYRISASARGKELRLILSPLPGAQPQQEPLALVFRFG
MSGSFQLVPREELPRHAHLRFYTAPPGPRLALCFVDIRRFGRWDLGGKWQPGRGPCVLQEYQQFRESVLRNLADKAFDRP
ICEALLDQRFFNGIGNYLRAEILYRLKIPPFEKARSVLEALQQHRPSPELTLSQKIRTKLQNPDLLELCHSVPKEVVQLG
GRGYGSESGEEDFAAFRAWLRCYGMPGMSSLQDRHGRTIWFQGDPGPLAP
;
_entity_poly.pdbx_strand_id   A
#
# COMPACT_ATOMS: atom_id res chain seq x y z
N PRO A 2 5.03 1.09 5.37
CA PRO A 2 4.27 -0.07 4.90
C PRO A 2 4.32 -0.11 3.38
N GLU A 3 3.96 -1.25 2.88
CA GLU A 3 4.02 -1.52 1.44
C GLU A 3 2.67 -1.89 0.92
N GLY A 4 2.54 -1.97 -0.40
CA GLY A 4 1.28 -2.02 -1.03
C GLY A 4 0.37 -3.14 -0.59
N PRO A 5 0.84 -4.37 -0.38
CA PRO A 5 -0.06 -5.47 0.02
C PRO A 5 -0.87 -5.08 1.29
N GLU A 6 -0.19 -4.48 2.25
CA GLU A 6 -0.86 -4.09 3.53
C GLU A 6 -1.95 -3.06 3.27
N LEU A 7 -1.67 -2.03 2.49
CA LEU A 7 -2.72 -1.05 2.20
C LEU A 7 -3.90 -1.64 1.55
N HIS A 8 -3.64 -2.53 0.60
CA HIS A 8 -4.73 -3.20 -0.04
C HIS A 8 -5.56 -4.03 0.93
N LEU A 9 -4.87 -4.80 1.75
CA LEU A 9 -5.55 -5.68 2.73
C LEU A 9 -6.30 -4.87 3.79
N ALA A 10 -5.69 -3.75 4.19
CA ALA A 10 -6.40 -2.85 5.10
C ALA A 10 -7.68 -2.27 4.51
N SER A 11 -7.66 -1.89 3.23
N SER A 11 -7.65 -1.90 3.23
CA SER A 11 -8.87 -1.37 2.54
CA SER A 11 -8.83 -1.31 2.60
C SER A 11 -9.94 -2.43 2.50
C SER A 11 -9.91 -2.37 2.43
N GLN A 12 -9.52 -3.63 2.14
CA GLN A 12 -10.47 -4.75 2.13
C GLN A 12 -11.17 -4.92 3.48
N PHE A 13 -10.35 -4.88 4.54
CA PHE A 13 -10.90 -5.01 5.91
C PHE A 13 -11.92 -3.95 6.18
N VAL A 14 -11.53 -2.68 6.00
CA VAL A 14 -12.49 -1.60 6.21
C VAL A 14 -13.77 -1.73 5.46
N ASN A 15 -13.66 -2.00 4.17
CA ASN A 15 -14.87 -2.12 3.38
C ASN A 15 -15.77 -3.22 3.85
N GLU A 16 -15.22 -4.39 4.11
CA GLU A 16 -16.06 -5.54 4.46
C GLU A 16 -16.61 -5.37 5.90
N ALA A 17 -15.81 -4.84 6.80
CA ALA A 17 -16.27 -4.66 8.21
C ALA A 17 -17.31 -3.61 8.32
N CYS A 18 -17.25 -2.64 7.47
CA CYS A 18 -18.14 -1.49 7.49
C CYS A 18 -19.36 -1.56 6.60
N ARG A 19 -19.46 -2.60 5.75
N ARG A 19 -19.46 -2.61 5.77
CA ARG A 19 -20.47 -2.64 4.69
CA ARG A 19 -20.46 -2.64 4.70
C ARG A 19 -21.91 -2.44 5.19
C ARG A 19 -21.90 -2.46 5.19
N ALA A 20 -22.22 -3.01 6.34
CA ALA A 20 -23.53 -2.91 6.92
C ALA A 20 -23.62 -2.09 8.17
N LEU A 21 -22.57 -1.37 8.51
CA LEU A 21 -22.61 -0.49 9.63
C LEU A 21 -23.04 0.95 9.23
N VAL A 22 -23.71 1.61 10.16
CA VAL A 22 -24.08 3.01 9.99
C VAL A 22 -23.34 3.78 11.08
N PHE A 23 -22.59 4.78 10.63
CA PHE A 23 -21.86 5.68 11.54
C PHE A 23 -22.70 6.92 11.73
N GLY A 24 -22.43 7.64 12.82
CA GLY A 24 -23.17 8.85 13.10
C GLY A 24 -22.33 9.81 13.95
N GLY A 25 -22.65 11.10 13.82
CA GLY A 25 -21.96 12.16 14.55
C GLY A 25 -20.83 12.76 13.81
N CYS A 26 -19.83 13.21 14.56
CA CYS A 26 -18.67 13.84 14.04
C CYS A 26 -17.48 12.83 13.99
N VAL A 27 -16.47 13.17 13.25
CA VAL A 27 -15.23 12.47 13.18
C VAL A 27 -14.32 13.04 14.25
N GLU A 28 -13.82 12.25 15.15
CA GLU A 28 -13.10 12.83 16.33
C GLU A 28 -11.60 12.61 16.15
N LYS A 29 -10.79 13.67 16.32
CA LYS A 29 -9.36 13.60 16.31
C LYS A 29 -8.88 13.76 17.70
N SER A 30 -7.86 13.03 18.03
CA SER A 30 -7.16 13.28 19.32
C SER A 30 -6.57 14.70 19.32
N SER A 31 -6.56 15.29 20.53
CA SER A 31 -5.92 16.59 20.66
C SER A 31 -4.47 16.60 20.25
N VAL A 32 -3.77 15.52 20.54
CA VAL A 32 -2.33 15.46 20.32
C VAL A 32 -2.00 15.37 18.85
N SER A 33 -2.85 14.74 18.03
CA SER A 33 -2.51 14.58 16.61
C SER A 33 -2.28 15.90 15.89
N ARG A 34 -1.17 16.01 15.18
CA ARG A 34 -0.96 17.19 14.37
C ARG A 34 -1.57 17.18 12.98
N ASN A 35 -2.30 16.12 12.65
CA ASN A 35 -2.99 16.04 11.41
C ASN A 35 -4.25 16.95 11.53
N PRO A 36 -4.95 17.15 10.39
CA PRO A 36 -6.10 18.10 10.44
C PRO A 36 -7.37 17.56 11.03
N GLU A 37 -8.12 18.39 11.73
CA GLU A 37 -9.43 18.06 12.12
C GLU A 37 -10.21 17.81 10.83
N VAL A 38 -11.20 16.95 10.95
CA VAL A 38 -12.03 16.58 9.85
C VAL A 38 -13.41 17.17 9.98
N PRO A 39 -13.73 18.26 9.24
CA PRO A 39 -15.05 18.86 9.45
C PRO A 39 -16.09 18.03 8.74
N PHE A 40 -17.00 17.44 9.52
CA PHE A 40 -17.92 16.45 8.98
C PHE A 40 -18.91 16.17 10.08
N GLU A 41 -20.16 16.08 9.73
CA GLU A 41 -21.18 15.70 10.72
C GLU A 41 -22.31 15.11 9.94
N SER A 42 -22.72 13.89 10.33
CA SER A 42 -23.87 13.30 9.73
C SER A 42 -24.53 12.30 10.67
N SER A 43 -25.86 12.28 10.72
CA SER A 43 -26.59 11.30 11.58
C SER A 43 -26.52 9.90 11.12
N ALA A 44 -26.10 9.64 9.89
CA ALA A 44 -26.15 8.29 9.33
C ALA A 44 -25.28 8.29 8.11
N TYR A 45 -24.11 7.69 8.17
CA TYR A 45 -23.17 7.63 7.05
C TYR A 45 -22.47 6.30 6.93
N ARG A 46 -22.07 5.95 5.69
CA ARG A 46 -21.40 4.72 5.42
C ARG A 46 -19.94 5.02 5.12
N ILE A 47 -19.08 4.15 5.58
CA ILE A 47 -17.66 4.21 5.33
C ILE A 47 -17.20 3.14 4.38
N SER A 48 -16.49 3.55 3.34
CA SER A 48 -15.92 2.66 2.36
C SER A 48 -14.50 3.01 2.14
N ALA A 49 -13.75 2.08 1.57
CA ALA A 49 -12.33 2.29 1.40
C ALA A 49 -11.83 1.74 0.04
N SER A 50 -10.73 2.29 -0.38
CA SER A 50 -9.90 1.74 -1.50
C SER A 50 -8.49 2.06 -1.24
N ALA A 51 -7.56 1.41 -1.94
CA ALA A 51 -6.17 1.67 -1.78
C ALA A 51 -5.52 1.90 -3.13
N ARG A 52 -4.41 2.57 -3.12
CA ARG A 52 -3.57 2.85 -4.31
C ARG A 52 -2.14 2.99 -3.87
N GLY A 53 -1.35 1.99 -4.20
CA GLY A 53 0.01 1.98 -3.72
C GLY A 53 0.08 2.02 -2.17
N LYS A 54 0.81 2.99 -1.64
CA LYS A 54 0.98 3.09 -0.19
C LYS A 54 -0.02 4.03 0.48
N GLU A 55 -1.13 4.29 -0.20
CA GLU A 55 -2.20 5.14 0.35
C GLU A 55 -3.51 4.39 0.41
N LEU A 56 -4.36 4.80 1.37
CA LEU A 56 -5.72 4.31 1.57
C LEU A 56 -6.65 5.45 1.66
N ARG A 57 -7.70 5.37 0.85
CA ARG A 57 -8.72 6.39 0.78
C ARG A 57 -9.99 5.92 1.43
N LEU A 58 -10.47 6.63 2.49
CA LEU A 58 -11.79 6.47 3.01
C LEU A 58 -12.72 7.40 2.39
N ILE A 59 -13.93 6.91 2.14
CA ILE A 59 -15.05 7.78 1.71
C ILE A 59 -16.15 7.69 2.74
N LEU A 60 -16.60 8.85 3.22
CA LEU A 60 -17.65 8.99 4.20
C LEU A 60 -18.89 9.46 3.42
N SER A 61 -19.92 8.64 3.37
CA SER A 61 -21.11 8.88 2.52
C SER A 61 -22.44 8.85 3.27
N PRO A 62 -22.98 10.04 3.57
CA PRO A 62 -24.27 10.16 4.21
C PRO A 62 -25.33 9.35 3.49
N LEU A 63 -26.18 8.77 4.30
CA LEU A 63 -27.26 7.95 3.83
C LEU A 63 -28.47 8.76 3.65
N PRO A 64 -29.44 8.16 2.88
CA PRO A 64 -30.68 8.89 2.66
C PRO A 64 -31.35 9.39 3.92
N GLY A 65 -31.71 10.63 3.89
CA GLY A 65 -32.40 11.28 5.02
C GLY A 65 -31.50 11.72 6.16
N ALA A 66 -30.18 11.51 6.02
CA ALA A 66 -29.32 11.93 7.08
C ALA A 66 -29.27 13.45 7.24
N GLN A 67 -29.03 13.87 8.48
CA GLN A 67 -28.94 15.30 8.80
C GLN A 67 -27.65 15.57 9.55
N PRO A 68 -27.30 16.83 9.71
CA PRO A 68 -27.43 17.84 8.71
C PRO A 68 -26.92 17.57 7.36
N GLN A 69 -27.20 18.47 6.43
CA GLN A 69 -26.73 18.26 5.06
C GLN A 69 -25.24 18.13 5.04
N GLN A 70 -24.80 17.12 4.32
CA GLN A 70 -23.36 16.83 4.29
C GLN A 70 -23.01 16.18 3.02
N GLU A 71 -22.00 16.72 2.35
CA GLU A 71 -21.53 16.09 1.15
C GLU A 71 -20.70 14.86 1.52
N PRO A 72 -20.59 13.90 0.61
CA PRO A 72 -19.58 12.89 0.85
C PRO A 72 -18.20 13.52 1.00
N LEU A 73 -17.38 12.90 1.83
CA LEU A 73 -16.06 13.40 2.10
CA LEU A 73 -16.06 13.41 2.11
C LEU A 73 -15.04 12.26 2.02
N ALA A 74 -13.99 12.47 1.22
CA ALA A 74 -12.89 11.55 1.13
C ALA A 74 -11.73 12.02 1.96
N LEU A 75 -11.00 11.03 2.48
CA LEU A 75 -9.79 11.24 3.30
C LEU A 75 -8.73 10.24 2.86
N VAL A 76 -7.50 10.67 2.61
CA VAL A 76 -6.44 9.75 2.16
C VAL A 76 -5.40 9.68 3.28
N PHE A 77 -5.06 8.47 3.64
CA PHE A 77 -4.13 8.11 4.71
C PHE A 77 -2.87 7.49 4.14
N ARG A 78 -1.79 7.82 4.86
CA ARG A 78 -0.53 7.07 4.77
C ARG A 78 -0.27 6.67 6.17
N PHE A 79 -0.02 5.39 6.33
CA PHE A 79 0.04 4.81 7.69
C PHE A 79 1.32 5.10 8.52
N GLY A 80 2.43 5.22 7.86
CA GLY A 80 3.69 5.19 8.58
C GLY A 80 3.97 3.91 9.28
N MET A 81 5.05 3.84 10.01
CA MET A 81 5.45 2.64 10.61
C MET A 81 4.51 1.93 11.54
N SER A 82 3.64 2.68 12.24
CA SER A 82 2.75 2.12 13.22
C SER A 82 1.28 2.38 12.98
N GLY A 83 0.90 2.92 11.84
CA GLY A 83 -0.53 3.24 11.61
C GLY A 83 -1.30 1.96 11.27
N SER A 84 -2.57 1.90 11.68
CA SER A 84 -3.50 0.84 11.35
C SER A 84 -4.88 1.31 11.49
N PHE A 85 -5.81 0.54 10.90
CA PHE A 85 -7.21 0.68 11.21
C PHE A 85 -7.69 -0.49 12.05
N GLN A 86 -8.52 -0.16 13.02
CA GLN A 86 -9.10 -1.13 13.99
C GLN A 86 -10.56 -0.87 14.17
N LEU A 87 -11.37 -1.89 14.26
CA LEU A 87 -12.78 -1.72 14.64
C LEU A 87 -12.93 -2.35 16.00
N VAL A 88 -13.32 -1.52 16.98
CA VAL A 88 -13.31 -1.90 18.37
C VAL A 88 -14.61 -1.56 19.06
N PRO A 89 -14.94 -2.27 20.17
CA PRO A 89 -16.02 -1.81 20.99
C PRO A 89 -15.79 -0.38 21.49
N ARG A 90 -16.83 0.44 21.56
CA ARG A 90 -16.71 1.84 21.94
C ARG A 90 -16.10 2.11 23.25
N GLU A 91 -16.29 1.16 24.24
CA GLU A 91 -15.63 1.35 25.54
C GLU A 91 -14.20 0.88 25.63
N GLU A 92 -13.64 0.37 24.52
CA GLU A 92 -12.30 -0.17 24.43
C GLU A 92 -11.47 0.60 23.32
N LEU A 93 -11.56 1.90 23.35
CA LEU A 93 -10.79 2.70 22.36
C LEU A 93 -9.36 2.52 22.67
N PRO A 94 -8.55 2.13 21.67
CA PRO A 94 -7.09 2.07 21.93
C PRO A 94 -6.51 3.39 22.37
N ARG A 95 -5.42 3.34 23.19
CA ARG A 95 -4.74 4.55 23.68
C ARG A 95 -4.31 5.59 22.62
N HIS A 96 -3.84 5.05 21.52
CA HIS A 96 -3.28 5.90 20.42
C HIS A 96 -4.16 5.91 19.17
N ALA A 97 -5.46 5.89 19.45
CA ALA A 97 -6.49 6.15 18.42
C ALA A 97 -6.60 7.60 18.10
N HIS A 98 -6.00 8.08 17.03
CA HIS A 98 -5.94 9.46 16.69
C HIS A 98 -7.05 9.98 15.86
N LEU A 99 -7.77 9.11 15.18
CA LEU A 99 -8.96 9.52 14.39
C LEU A 99 -10.02 8.46 14.58
N ARG A 100 -11.24 8.85 14.90
CA ARG A 100 -12.27 7.89 15.28
C ARG A 100 -13.62 8.20 14.67
N PHE A 101 -14.34 7.15 14.28
CA PHE A 101 -15.67 7.18 13.65
C PHE A 101 -16.56 6.27 14.45
N TYR A 102 -17.73 6.74 14.87
CA TYR A 102 -18.54 5.98 15.82
C TYR A 102 -19.83 5.49 15.16
N THR A 103 -20.19 4.23 15.41
CA THR A 103 -21.44 3.74 14.89
C THR A 103 -22.61 4.37 15.59
N ALA A 104 -23.66 4.56 14.81
CA ALA A 104 -25.00 4.97 15.32
C ALA A 104 -25.82 3.61 15.62
N PRO A 105 -26.79 3.69 16.51
CA PRO A 105 -27.71 2.55 16.75
C PRO A 105 -28.64 2.24 15.59
N PRO A 106 -28.77 0.96 15.28
CA PRO A 106 -29.00 0.01 16.33
C PRO A 106 -27.76 -0.85 16.25
N GLY A 107 -27.60 -1.74 17.21
CA GLY A 107 -26.55 -2.68 17.18
C GLY A 107 -25.44 -2.19 18.11
N PRO A 108 -24.51 -3.09 18.29
CA PRO A 108 -23.47 -2.72 19.23
C PRO A 108 -22.74 -1.39 18.94
N ARG A 109 -22.32 -0.69 20.00
N ARG A 109 -22.32 -0.68 19.96
CA ARG A 109 -21.57 0.60 19.95
CA ARG A 109 -21.64 0.58 19.75
C ARG A 109 -20.09 0.32 19.59
C ARG A 109 -20.12 0.31 19.55
N LEU A 110 -19.72 0.64 18.33
CA LEU A 110 -18.39 0.36 17.85
C LEU A 110 -17.73 1.65 17.41
N ALA A 111 -16.38 1.56 17.31
CA ALA A 111 -15.58 2.68 16.76
C ALA A 111 -14.62 2.19 15.73
N LEU A 112 -14.59 2.79 14.52
CA LEU A 112 -13.50 2.55 13.60
C LEU A 112 -12.44 3.57 13.94
N CYS A 113 -11.20 3.10 14.17
CA CYS A 113 -10.12 3.96 14.65
C CYS A 113 -8.91 3.86 13.75
N PHE A 114 -8.30 5.01 13.42
CA PHE A 114 -6.96 5.05 12.88
C PHE A 114 -6.08 5.10 14.12
N VAL A 115 -5.27 4.04 14.34
CA VAL A 115 -4.42 3.88 15.52
C VAL A 115 -2.96 4.02 15.13
N ASP A 116 -2.16 4.74 15.94
CA ASP A 116 -0.81 5.02 15.44
C ASP A 116 0.05 5.53 16.59
N ILE A 117 0.70 4.61 17.27
CA ILE A 117 1.47 5.05 18.46
C ILE A 117 2.58 6.00 18.13
N ARG A 118 3.32 5.76 17.04
CA ARG A 118 4.48 6.61 16.70
C ARG A 118 4.11 7.95 16.09
N ARG A 119 2.87 8.09 15.64
CA ARG A 119 2.40 9.28 15.04
C ARG A 119 3.11 9.68 13.74
N PHE A 120 3.58 8.71 12.97
CA PHE A 120 4.17 8.99 11.66
C PHE A 120 3.09 8.91 10.55
N GLY A 121 1.90 8.47 10.91
CA GLY A 121 0.86 8.44 9.90
C GLY A 121 0.29 9.85 9.62
N ARG A 122 -0.27 9.96 8.43
CA ARG A 122 -0.76 11.27 7.96
C ARG A 122 -2.08 11.12 7.25
N TRP A 123 -2.95 12.12 7.38
CA TRP A 123 -4.08 12.21 6.50
C TRP A 123 -4.26 13.62 6.05
N ASP A 124 -4.94 13.72 4.92
CA ASP A 124 -5.28 15.03 4.37
C ASP A 124 -6.75 14.98 4.00
N LEU A 125 -7.32 16.19 3.95
CA LEU A 125 -8.71 16.37 3.57
C LEU A 125 -8.85 16.33 2.01
N GLY A 126 -9.85 15.58 1.52
CA GLY A 126 -10.06 15.39 0.05
C GLY A 126 -9.57 14.05 -0.50
N GLY A 127 -10.06 13.68 -1.64
CA GLY A 127 -9.79 12.34 -2.09
C GLY A 127 -8.57 12.25 -2.79
N LYS A 128 -7.71 13.31 -2.76
CA LYS A 128 -6.65 13.22 -3.74
C LYS A 128 -5.48 12.35 -3.27
N TRP A 129 -5.11 11.45 -4.22
CA TRP A 129 -3.84 10.73 -4.09
C TRP A 129 -2.64 11.66 -4.13
N GLN A 130 -1.50 11.29 -3.57
CA GLN A 130 -0.36 12.19 -3.59
C GLN A 130 0.08 12.50 -5.01
N PRO A 131 0.24 13.80 -5.32
CA PRO A 131 0.75 14.31 -6.57
C PRO A 131 1.95 13.51 -7.02
N GLY A 132 1.89 13.06 -8.25
CA GLY A 132 3.08 12.55 -8.75
C GLY A 132 3.30 11.06 -8.47
N ARG A 133 2.74 10.47 -7.36
CA ARG A 133 2.75 8.98 -7.13
C ARG A 133 2.17 8.34 -8.37
N GLY A 134 2.85 7.34 -8.89
CA GLY A 134 2.42 6.70 -10.10
C GLY A 134 1.28 5.66 -9.89
N PRO A 135 0.89 4.95 -10.96
CA PRO A 135 -0.15 3.96 -10.84
C PRO A 135 0.23 2.85 -9.89
N CYS A 136 -0.74 2.30 -9.22
CA CYS A 136 -0.56 1.26 -8.27
C CYS A 136 -0.03 0.01 -9.02
N VAL A 137 1.00 -0.60 -8.46
CA VAL A 137 1.52 -1.86 -9.01
C VAL A 137 0.57 -3.02 -8.90
N LEU A 138 -0.36 -2.96 -7.93
CA LEU A 138 -1.32 -4.03 -7.72
C LEU A 138 -2.56 -3.83 -8.54
N GLN A 139 -3.12 -2.66 -8.50
CA GLN A 139 -4.45 -2.42 -9.07
C GLN A 139 -4.45 -1.82 -10.44
N GLU A 140 -3.30 -1.33 -10.90
CA GLU A 140 -3.20 -0.53 -12.14
C GLU A 140 -1.98 -1.06 -12.94
N TYR A 141 -1.86 -2.39 -13.07
CA TYR A 141 -0.59 -2.94 -13.65
C TYR A 141 -0.22 -2.41 -15.01
N GLN A 142 -1.18 -2.43 -15.95
CA GLN A 142 -0.86 -2.01 -17.32
C GLN A 142 -0.45 -0.52 -17.31
N GLN A 143 -1.13 0.34 -16.60
N GLN A 143 -1.14 0.33 -16.59
CA GLN A 143 -0.74 1.76 -16.56
CA GLN A 143 -0.78 1.76 -16.52
C GLN A 143 0.59 1.96 -15.85
C GLN A 143 0.58 1.96 -15.83
N PHE A 144 0.83 1.19 -14.79
CA PHE A 144 2.12 1.21 -14.11
C PHE A 144 3.25 0.90 -15.07
N ARG A 145 3.10 -0.21 -15.82
CA ARG A 145 4.15 -0.65 -16.72
C ARG A 145 4.37 0.42 -17.79
N GLU A 146 3.29 0.89 -18.37
CA GLU A 146 3.41 1.87 -19.43
C GLU A 146 4.06 3.14 -18.93
N SER A 147 3.72 3.59 -17.73
CA SER A 147 4.33 4.82 -17.14
C SER A 147 5.85 4.64 -16.93
N VAL A 148 6.30 3.46 -16.56
CA VAL A 148 7.76 3.21 -16.50
C VAL A 148 8.39 3.26 -17.91
N LEU A 149 7.85 2.51 -18.86
CA LEU A 149 8.46 2.36 -20.18
C LEU A 149 8.43 3.61 -20.94
N ARG A 150 7.40 4.41 -20.81
CA ARG A 150 7.32 5.68 -21.56
C ARG A 150 8.34 6.70 -21.01
N ASN A 151 8.75 6.53 -19.77
CA ASN A 151 9.48 7.55 -19.06
C ASN A 151 10.89 7.10 -18.73
N LEU A 152 11.36 6.09 -19.45
CA LEU A 152 12.69 5.54 -19.10
C LEU A 152 13.82 6.58 -19.26
N ALA A 153 13.60 7.63 -20.06
CA ALA A 153 14.64 8.69 -20.16
C ALA A 153 14.79 9.56 -18.92
N ASP A 154 13.82 9.53 -17.99
CA ASP A 154 13.92 10.27 -16.75
C ASP A 154 15.17 9.93 -15.95
N LYS A 155 15.75 10.97 -15.33
N LYS A 155 15.76 10.96 -15.33
CA LYS A 155 16.91 10.82 -14.47
CA LYS A 155 16.94 10.76 -14.49
C LYS A 155 16.74 9.78 -13.35
C LYS A 155 16.75 9.75 -13.35
N ALA A 156 15.51 9.44 -12.96
CA ALA A 156 15.28 8.39 -11.94
C ALA A 156 15.92 7.07 -12.34
N PHE A 157 15.97 6.84 -13.64
CA PHE A 157 16.49 5.57 -14.13
C PHE A 157 18.02 5.58 -14.34
N ASP A 158 18.68 6.72 -14.05
CA ASP A 158 20.14 6.74 -13.95
C ASP A 158 20.64 6.13 -12.65
N ARG A 159 19.75 6.02 -11.67
CA ARG A 159 20.07 5.43 -10.40
C ARG A 159 20.15 3.91 -10.39
N PRO A 160 20.84 3.29 -9.41
CA PRO A 160 20.81 1.89 -9.21
C PRO A 160 19.35 1.35 -9.11
N ILE A 161 19.15 0.17 -9.69
CA ILE A 161 17.78 -0.40 -9.74
C ILE A 161 17.19 -0.50 -8.34
N CYS A 162 17.94 -0.84 -7.33
CA CYS A 162 17.25 -0.92 -5.99
C CYS A 162 16.78 0.40 -5.52
N GLU A 163 17.39 1.52 -5.88
CA GLU A 163 16.92 2.83 -5.50
C GLU A 163 15.76 3.27 -6.39
N ALA A 164 15.84 3.02 -7.69
CA ALA A 164 14.72 3.37 -8.59
C ALA A 164 13.43 2.63 -8.17
N LEU A 165 13.54 1.39 -7.68
CA LEU A 165 12.34 0.61 -7.27
C LEU A 165 11.62 1.26 -6.11
N LEU A 166 12.26 2.16 -5.38
CA LEU A 166 11.63 2.88 -4.24
C LEU A 166 11.05 4.24 -4.68
N ASP A 167 11.26 4.65 -5.92
CA ASP A 167 10.70 5.92 -6.40
C ASP A 167 9.24 5.75 -6.72
N GLN A 168 8.41 6.33 -5.89
CA GLN A 168 6.99 6.15 -5.92
C GLN A 168 6.33 6.83 -7.08
N ARG A 169 7.06 7.68 -7.82
CA ARG A 169 6.50 8.17 -9.07
C ARG A 169 6.35 7.03 -10.09
N PHE A 170 7.22 6.01 -9.97
CA PHE A 170 7.26 4.93 -10.91
C PHE A 170 6.91 3.58 -10.35
N PHE A 171 7.05 3.36 -9.05
CA PHE A 171 6.82 2.03 -8.43
C PHE A 171 5.93 2.19 -7.17
N ASN A 172 4.78 2.85 -7.31
CA ASN A 172 3.93 3.12 -6.21
C ASN A 172 3.39 1.87 -5.55
N GLY A 173 3.80 1.61 -4.30
CA GLY A 173 3.51 0.39 -3.59
C GLY A 173 4.71 -0.47 -3.19
N ILE A 174 5.83 -0.27 -3.88
CA ILE A 174 7.03 -1.03 -3.62
C ILE A 174 7.80 -0.35 -2.49
N GLY A 175 8.12 -1.15 -1.47
CA GLY A 175 9.03 -0.73 -0.39
C GLY A 175 10.21 -1.63 -0.19
N ASN A 176 10.83 -1.56 0.99
CA ASN A 176 12.11 -2.16 1.21
C ASN A 176 12.03 -3.64 1.20
N TYR A 177 10.99 -4.33 1.70
CA TYR A 177 10.98 -5.78 1.62
C TYR A 177 10.67 -6.20 0.19
N LEU A 178 9.76 -5.52 -0.52
CA LEU A 178 9.42 -6.00 -1.82
C LEU A 178 10.58 -5.79 -2.81
N ARG A 179 11.31 -4.71 -2.68
CA ARG A 179 12.46 -4.56 -3.66
C ARG A 179 13.43 -5.70 -3.49
N ALA A 180 13.73 -6.13 -2.29
CA ALA A 180 14.60 -7.27 -2.07
C ALA A 180 14.05 -8.47 -2.67
N GLU A 181 12.79 -8.75 -2.41
CA GLU A 181 12.19 -10.01 -2.88
C GLU A 181 12.13 -10.03 -4.40
N ILE A 182 11.76 -8.93 -5.01
CA ILE A 182 11.59 -8.89 -6.45
C ILE A 182 12.99 -9.06 -7.15
N LEU A 183 13.99 -8.29 -6.72
CA LEU A 183 15.29 -8.42 -7.35
C LEU A 183 15.85 -9.80 -7.14
N TYR A 184 15.59 -10.47 -6.03
CA TYR A 184 16.08 -11.81 -5.72
C TYR A 184 15.46 -12.81 -6.70
N ARG A 185 14.23 -12.63 -7.10
CA ARG A 185 13.64 -13.62 -7.98
C ARG A 185 14.35 -13.67 -9.31
N LEU A 186 14.82 -12.53 -9.77
CA LEU A 186 15.50 -12.44 -11.06
C LEU A 186 17.02 -12.36 -10.91
N LYS A 187 17.55 -12.45 -9.67
CA LYS A 187 18.99 -12.35 -9.42
C LYS A 187 19.62 -11.15 -10.15
N ILE A 188 18.93 -10.00 -10.13
CA ILE A 188 19.45 -8.77 -10.69
C ILE A 188 20.26 -8.05 -9.62
N PRO A 189 21.51 -7.74 -9.94
CA PRO A 189 22.24 -7.07 -8.91
C PRO A 189 21.62 -5.73 -8.52
N PRO A 190 21.57 -5.41 -7.20
CA PRO A 190 20.80 -4.25 -6.76
C PRO A 190 21.39 -2.94 -7.19
N PHE A 191 22.72 -2.96 -7.52
CA PHE A 191 23.34 -1.76 -8.07
C PHE A 191 23.73 -1.81 -9.52
N GLU A 192 23.03 -2.62 -10.31
CA GLU A 192 22.95 -2.33 -11.73
C GLU A 192 22.20 -1.01 -12.00
N LYS A 193 22.58 -0.25 -13.02
CA LYS A 193 21.86 0.91 -13.42
C LYS A 193 20.46 0.58 -13.88
N ALA A 194 19.50 1.32 -13.33
CA ALA A 194 18.08 0.95 -13.55
C ALA A 194 17.73 0.88 -15.02
N ARG A 195 18.13 1.88 -15.80
CA ARG A 195 17.75 1.86 -17.20
C ARG A 195 18.37 0.63 -17.93
N SER A 196 19.54 0.18 -17.49
CA SER A 196 20.18 -1.01 -18.13
C SER A 196 19.37 -2.25 -17.92
N VAL A 197 18.71 -2.36 -16.78
CA VAL A 197 17.84 -3.50 -16.45
C VAL A 197 16.55 -3.50 -17.25
N LEU A 198 16.00 -2.34 -17.58
CA LEU A 198 14.70 -2.17 -18.13
C LEU A 198 14.65 -1.87 -19.64
N GLU A 199 15.78 -1.42 -20.19
CA GLU A 199 15.89 -0.97 -21.60
C GLU A 199 15.26 -1.93 -22.60
N ALA A 200 15.56 -3.21 -22.44
CA ALA A 200 15.13 -4.25 -23.40
C ALA A 200 13.61 -4.42 -23.44
N LEU A 201 12.92 -3.94 -22.42
CA LEU A 201 11.45 -4.01 -22.44
C LEU A 201 10.78 -2.93 -23.26
N GLN A 202 11.51 -1.87 -23.57
CA GLN A 202 10.92 -0.68 -24.15
C GLN A 202 10.76 -0.70 -25.64
N GLN A 203 9.50 -0.49 -26.01
CA GLN A 203 9.12 0.58 -26.95
C GLN A 203 8.40 1.59 -26.03
N SER A 207 1.11 -7.51 -25.41
CA SER A 207 -0.15 -6.78 -25.63
C SER A 207 -0.94 -7.56 -26.72
N PRO A 208 -1.23 -6.97 -27.90
CA PRO A 208 -1.56 -7.89 -28.98
C PRO A 208 -0.46 -7.76 -30.05
N GLU A 209 0.72 -7.35 -29.62
CA GLU A 209 1.86 -7.55 -30.44
C GLU A 209 2.02 -9.10 -30.47
N LEU A 210 2.54 -9.73 -29.40
CA LEU A 210 2.65 -11.22 -29.34
C LEU A 210 1.23 -11.78 -29.03
N THR A 211 0.94 -12.93 -29.63
CA THR A 211 -0.30 -13.70 -29.28
C THR A 211 -0.12 -14.42 -27.93
N LEU A 212 -1.24 -14.86 -27.37
CA LEU A 212 -1.16 -15.66 -26.12
C LEU A 212 -0.25 -16.85 -26.35
N SER A 213 -0.36 -17.57 -27.44
CA SER A 213 0.49 -18.72 -27.69
C SER A 213 1.96 -18.35 -27.65
N GLN A 214 2.29 -17.23 -28.27
CA GLN A 214 3.70 -16.79 -28.30
C GLN A 214 4.13 -16.38 -26.90
N LYS A 215 3.26 -15.72 -26.13
CA LYS A 215 3.62 -15.34 -24.73
C LYS A 215 3.80 -16.58 -23.88
N ILE A 216 2.95 -17.58 -24.04
CA ILE A 216 3.10 -18.85 -23.29
C ILE A 216 4.41 -19.45 -23.61
N ARG A 217 4.85 -19.38 -24.86
CA ARG A 217 6.10 -20.04 -25.26
C ARG A 217 7.30 -19.35 -24.70
N THR A 218 7.31 -18.05 -24.67
CA THR A 218 8.54 -17.30 -24.41
C THR A 218 8.52 -16.48 -23.15
N LYS A 219 7.35 -16.09 -22.63
CA LYS A 219 7.33 -15.15 -21.53
C LYS A 219 6.91 -15.81 -20.22
N LEU A 220 6.16 -16.89 -20.33
CA LEU A 220 5.59 -17.47 -19.13
C LEU A 220 6.66 -17.90 -18.13
N GLN A 221 7.72 -18.57 -18.58
CA GLN A 221 8.72 -19.05 -17.67
C GLN A 221 9.87 -18.05 -17.41
N ASN A 222 9.74 -16.86 -18.02
CA ASN A 222 10.73 -15.83 -18.00
C ASN A 222 10.07 -14.42 -17.69
N PRO A 223 9.42 -14.31 -16.55
CA PRO A 223 8.79 -13.01 -16.21
C PRO A 223 9.81 -11.91 -16.07
N ASP A 224 9.46 -10.70 -16.50
CA ASP A 224 10.32 -9.58 -16.44
C ASP A 224 10.12 -8.79 -15.14
N LEU A 225 11.03 -7.88 -14.92
CA LEU A 225 11.02 -7.14 -13.64
C LEU A 225 9.74 -6.42 -13.39
N LEU A 226 9.14 -5.81 -14.39
CA LEU A 226 7.88 -5.08 -14.19
C LEU A 226 6.71 -6.02 -13.95
N GLU A 227 6.70 -7.21 -14.56
CA GLU A 227 5.76 -8.23 -14.22
C GLU A 227 5.81 -8.60 -12.74
N LEU A 228 7.01 -8.80 -12.27
CA LEU A 228 7.19 -9.18 -10.86
C LEU A 228 6.85 -8.06 -9.88
N CYS A 229 7.01 -6.81 -10.26
CA CYS A 229 6.57 -5.70 -9.41
C CYS A 229 5.08 -5.81 -9.17
N HIS A 230 4.30 -6.47 -10.04
CA HIS A 230 2.89 -6.72 -9.77
C HIS A 230 2.67 -8.05 -9.07
N SER A 231 3.26 -9.15 -9.60
CA SER A 231 2.92 -10.46 -9.14
C SER A 231 3.46 -10.84 -7.77
N VAL A 232 4.61 -10.25 -7.46
CA VAL A 232 5.21 -10.58 -6.11
C VAL A 232 4.36 -9.94 -4.97
N PRO A 233 3.96 -8.66 -5.09
CA PRO A 233 3.05 -8.16 -4.02
C PRO A 233 1.70 -8.87 -4.07
N LYS A 234 1.22 -9.35 -5.24
CA LYS A 234 -0.01 -10.08 -5.27
C LYS A 234 0.12 -11.37 -4.45
N GLU A 235 1.27 -11.99 -4.43
CA GLU A 235 1.46 -13.17 -3.58
C GLU A 235 1.16 -12.86 -2.07
N VAL A 236 1.69 -11.71 -1.64
CA VAL A 236 1.51 -11.31 -0.24
C VAL A 236 0.02 -11.11 0.03
N VAL A 237 -0.63 -10.41 -0.89
CA VAL A 237 -2.12 -10.22 -0.76
C VAL A 237 -2.82 -11.53 -0.59
N GLN A 238 -2.49 -12.47 -1.45
CA GLN A 238 -3.26 -13.76 -1.37
C GLN A 238 -2.99 -14.41 -0.06
N LEU A 239 -1.74 -14.39 0.34
CA LEU A 239 -1.36 -14.95 1.56
C LEU A 239 -2.10 -14.33 2.81
N GLY A 240 -2.33 -13.01 2.76
CA GLY A 240 -2.97 -12.28 3.78
C GLY A 240 -4.45 -12.63 4.02
N GLY A 241 -5.11 -13.19 3.01
CA GLY A 241 -6.54 -13.59 3.20
C GLY A 241 -7.34 -12.42 3.78
N ARG A 242 -8.18 -12.76 4.76
CA ARG A 242 -8.97 -11.73 5.43
C ARG A 242 -8.49 -11.57 6.89
N GLY A 243 -7.19 -11.79 7.13
CA GLY A 243 -6.63 -11.64 8.47
C GLY A 243 -6.54 -10.19 8.98
N TYR A 244 -6.50 -9.21 8.09
CA TYR A 244 -6.29 -7.82 8.62
C TYR A 244 -7.49 -7.43 9.45
N GLY A 245 -7.18 -6.89 10.62
CA GLY A 245 -8.21 -6.37 11.48
C GLY A 245 -8.78 -7.40 12.37
N SER A 246 -8.32 -8.66 12.28
CA SER A 246 -8.84 -9.73 13.10
C SER A 246 -7.81 -10.15 14.18
N GLU A 247 -8.09 -11.31 14.81
CA GLU A 247 -7.18 -11.75 15.87
C GLU A 247 -6.09 -12.66 15.29
N SER A 248 -5.92 -12.77 13.95
CA SER A 248 -4.95 -13.74 13.39
C SER A 248 -3.52 -13.23 13.15
N GLY A 249 -3.11 -12.16 13.81
CA GLY A 249 -1.84 -11.61 13.46
C GLY A 249 -0.62 -12.52 13.71
N GLU A 250 -0.66 -13.34 14.75
CA GLU A 250 0.48 -14.26 14.98
C GLU A 250 0.63 -15.29 13.87
N GLU A 251 -0.47 -15.94 13.46
CA GLU A 251 -0.40 -16.85 12.33
C GLU A 251 -0.01 -16.14 11.00
N ASP A 252 -0.58 -14.94 10.80
CA ASP A 252 -0.31 -14.22 9.58
C ASP A 252 1.18 -13.81 9.46
N PHE A 253 1.74 -13.34 10.57
CA PHE A 253 3.17 -12.97 10.43
C PHE A 253 4.10 -14.22 10.31
N ALA A 254 3.74 -15.34 10.94
CA ALA A 254 4.50 -16.56 10.71
C ALA A 254 4.45 -16.99 9.24
N ALA A 255 3.30 -16.81 8.58
CA ALA A 255 3.23 -17.14 7.19
C ALA A 255 4.05 -16.18 6.32
N PHE A 256 4.03 -14.88 6.69
CA PHE A 256 4.86 -13.90 5.99
C PHE A 256 6.34 -14.17 6.14
N ARG A 257 6.74 -14.48 7.36
CA ARG A 257 8.10 -14.76 7.60
C ARG A 257 8.55 -15.95 6.69
N ALA A 258 7.70 -16.98 6.58
CA ALA A 258 8.03 -18.10 5.73
C ALA A 258 8.04 -17.86 4.25
N TRP A 259 7.34 -16.83 3.80
CA TRP A 259 7.29 -16.48 2.44
C TRP A 259 8.54 -15.77 1.94
N LEU A 260 9.24 -15.03 2.85
CA LEU A 260 10.39 -14.24 2.39
C LEU A 260 11.51 -15.18 1.91
N ARG A 261 12.15 -14.86 0.83
CA ARG A 261 13.29 -15.68 0.36
C ARG A 261 14.56 -14.87 0.57
N CYS A 262 14.50 -13.54 0.72
CA CYS A 262 15.76 -12.77 0.69
C CYS A 262 15.85 -11.75 1.84
N TYR A 263 14.86 -10.89 1.99
CA TYR A 263 14.91 -9.86 2.97
C TYR A 263 15.24 -10.36 4.40
N GLY A 264 16.36 -9.86 4.93
CA GLY A 264 16.81 -10.24 6.28
C GLY A 264 17.25 -11.70 6.44
N MET A 265 17.37 -12.48 5.39
CA MET A 265 17.57 -13.92 5.54
C MET A 265 19.00 -14.27 5.80
N PRO A 266 19.22 -15.33 6.58
CA PRO A 266 20.59 -15.93 6.67
C PRO A 266 21.38 -16.10 5.38
N GLY A 267 22.63 -15.71 5.41
CA GLY A 267 23.41 -15.90 4.22
C GLY A 267 23.32 -14.82 3.19
N MET A 268 22.29 -13.97 3.23
CA MET A 268 22.21 -12.92 2.26
C MET A 268 23.12 -11.78 2.62
N SER A 269 23.53 -11.06 1.58
CA SER A 269 24.25 -9.82 1.71
C SER A 269 23.32 -8.66 1.90
N SER A 270 23.87 -7.61 2.49
CA SER A 270 23.21 -6.39 2.70
C SER A 270 24.15 -5.20 2.53
N LEU A 271 23.60 -4.11 2.00
CA LEU A 271 24.35 -2.85 1.79
C LEU A 271 23.39 -1.71 2.07
N GLN A 272 23.91 -0.51 2.34
CA GLN A 272 23.05 0.67 2.46
C GLN A 272 23.00 1.41 1.19
N ASP A 273 21.79 1.76 0.77
CA ASP A 273 21.65 2.61 -0.43
C ASP A 273 21.89 4.11 -0.14
N ARG A 274 21.68 4.98 -1.12
CA ARG A 274 21.98 6.42 -0.92
C ARG A 274 21.13 7.06 0.19
N HIS A 275 19.95 6.52 0.49
CA HIS A 275 19.08 7.07 1.53
C HIS A 275 19.28 6.40 2.87
N GLY A 276 20.31 5.57 3.01
CA GLY A 276 20.50 4.81 4.24
C GLY A 276 19.54 3.67 4.47
N ARG A 277 18.85 3.21 3.39
CA ARG A 277 17.95 2.06 3.51
C ARG A 277 18.70 0.83 3.13
N THR A 278 18.53 -0.25 3.88
CA THR A 278 19.25 -1.49 3.70
C THR A 278 18.61 -2.28 2.54
N ILE A 279 19.43 -2.62 1.52
CA ILE A 279 19.04 -3.53 0.44
C ILE A 279 19.62 -4.92 0.74
N TRP A 280 18.80 -5.96 0.77
CA TRP A 280 19.19 -7.35 0.90
C TRP A 280 19.28 -7.98 -0.49
N PHE A 281 20.29 -8.80 -0.74
CA PHE A 281 20.47 -9.45 -2.00
C PHE A 281 21.40 -10.66 -1.86
N GLN A 282 21.45 -11.48 -2.92
CA GLN A 282 22.39 -12.61 -2.99
C GLN A 282 23.39 -12.30 -4.08
N GLY A 283 24.66 -12.43 -3.77
CA GLY A 283 25.66 -12.43 -4.87
C GLY A 283 26.17 -11.06 -5.20
N ASP A 284 26.50 -10.88 -6.48
CA ASP A 284 27.11 -9.59 -6.99
C ASP A 284 26.29 -8.35 -6.63
N PRO A 285 26.89 -7.39 -5.95
CA PRO A 285 26.11 -6.17 -5.67
C PRO A 285 25.85 -5.32 -6.88
N GLY A 286 26.67 -5.40 -7.92
CA GLY A 286 26.48 -4.57 -9.09
C GLY A 286 27.48 -3.40 -9.14
N PRO A 287 27.55 -2.74 -10.31
CA PRO A 287 28.63 -1.71 -10.53
C PRO A 287 28.53 -0.42 -9.82
N LEU A 288 27.31 -0.03 -9.39
CA LEU A 288 27.13 1.27 -8.80
C LEU A 288 27.11 1.20 -7.26
N ALA A 289 27.56 0.09 -6.75
CA ALA A 289 27.59 -0.11 -5.28
C ALA A 289 28.45 0.87 -4.58
N PRO A 290 28.02 1.33 -3.42
CA PRO A 290 28.89 2.10 -2.56
C PRO A 290 30.03 1.14 -2.11
#